data_6S5P
#
_entry.id   6S5P
#
_cell.length_a   123.099
_cell.length_b   56.264
_cell.length_c   70.498
_cell.angle_alpha   90.000
_cell.angle_beta   90.000
_cell.angle_gamma   90.000
#
_symmetry.space_group_name_H-M   'P 21 21 2'
#
loop_
_entity.id
_entity.type
_entity.pdbx_description
1 polymer 'Fucose-binding lectin'
2 polymer SBL2
3 non-polymer 'CALCIUM ION'
4 non-polymer '3,7-anhydro-2,8-dideoxy-L-glycero-D-gluco-octonic acid'
5 water water
#
loop_
_entity_poly.entity_id
_entity_poly.type
_entity_poly.pdbx_seq_one_letter_code
_entity_poly.pdbx_strand_id
1 'polypeptide(L)'
;MATQGVFTLPANTRFGVTAFANSSGTQTVNVLVNNETAATFSGQSTNNAVIGTQVLNSGSSGKVQVQVSVNGRPSDLVSA
QVILTNELNFALVGSEDGTDNDYNDAVVVINWPLG
;
A,B,C,D
2 'polypeptide(L)' KAAKAC(NH2) H,E,F
#
loop_
_chem_comp.id
_chem_comp.type
_chem_comp.name
_chem_comp.formula
CA non-polymer 'CALCIUM ION' 'Ca 2'
NH2 non-polymer 'AMINO GROUP' 'H2 N'
ZDC D-saccharide '3,7-anhydro-2,8-dideoxy-L-glycero-D-gluco-octonic acid' 'C8 H14 O6'
#
# COMPACT_ATOMS: atom_id res chain seq x y z
N ALA A 2 -7.37 -9.76 -13.52
CA ALA A 2 -5.95 -9.53 -13.76
C ALA A 2 -5.15 -10.61 -13.06
N THR A 3 -3.94 -10.85 -13.55
CA THR A 3 -3.05 -11.79 -12.88
C THR A 3 -2.74 -11.30 -11.47
N GLN A 4 -2.71 -12.23 -10.53
CA GLN A 4 -2.34 -11.93 -9.15
C GLN A 4 -1.32 -12.95 -8.68
N GLY A 5 -0.54 -12.55 -7.67
CA GLY A 5 0.44 -13.44 -7.10
C GLY A 5 1.77 -13.49 -7.82
N VAL A 6 2.01 -12.61 -8.79
CA VAL A 6 3.26 -12.56 -9.54
C VAL A 6 3.95 -11.25 -9.22
N PHE A 7 5.23 -11.31 -8.90
CA PHE A 7 5.99 -10.13 -8.52
C PHE A 7 7.36 -10.16 -9.16
N THR A 8 7.79 -9.02 -9.68
CA THR A 8 9.14 -8.86 -10.18
C THR A 8 10.00 -8.26 -9.09
N LEU A 9 10.86 -9.08 -8.51
CA LEU A 9 11.84 -8.62 -7.54
C LEU A 9 13.12 -8.20 -8.27
N PRO A 10 13.97 -7.42 -7.62
CA PRO A 10 15.31 -7.21 -8.19
C PRO A 10 16.01 -8.56 -8.31
N ALA A 11 16.77 -8.72 -9.38
CA ALA A 11 17.40 -10.01 -9.64
C ALA A 11 18.41 -10.36 -8.54
N ASN A 12 18.60 -11.67 -8.34
CA ASN A 12 19.68 -12.19 -7.51
C ASN A 12 19.64 -11.63 -6.09
N THR A 13 18.44 -11.47 -5.56
CA THR A 13 18.23 -10.86 -4.26
C THR A 13 17.55 -11.86 -3.35
N ARG A 14 18.07 -12.01 -2.13
CA ARG A 14 17.44 -12.88 -1.16
C ARG A 14 16.12 -12.27 -0.69
N PHE A 15 15.12 -13.11 -0.48
CA PHE A 15 13.85 -12.65 0.04
C PHE A 15 13.28 -13.71 0.97
N GLY A 16 12.44 -13.27 1.89
CA GLY A 16 11.72 -14.17 2.77
C GLY A 16 10.33 -14.42 2.21
N VAL A 17 9.85 -15.65 2.38
CA VAL A 17 8.47 -15.99 2.05
C VAL A 17 7.87 -16.76 3.21
N THR A 18 6.74 -16.28 3.73
CA THR A 18 6.11 -16.85 4.91
C THR A 18 4.62 -17.01 4.61
N ALA A 19 4.06 -18.16 4.95
CA ALA A 19 2.67 -18.47 4.70
C ALA A 19 1.95 -18.75 6.01
N PHE A 20 0.75 -18.18 6.15
CA PHE A 20 -0.13 -18.37 7.29
C PHE A 20 -1.43 -19.01 6.79
N ALA A 21 -2.05 -19.83 7.64
CA ALA A 21 -3.29 -20.50 7.25
C ALA A 21 -4.44 -20.05 8.15
N ASN A 22 -5.61 -19.84 7.53
CA ASN A 22 -6.84 -19.52 8.27
C ASN A 22 -8.02 -20.17 7.54
N SER A 23 -8.14 -21.50 7.65
CA SER A 23 -9.20 -22.20 6.93
C SER A 23 -9.29 -23.62 7.45
N SER A 24 -10.47 -24.23 7.28
CA SER A 24 -10.57 -25.66 7.53
C SER A 24 -9.84 -26.49 6.47
N GLY A 25 -9.58 -25.90 5.30
CA GLY A 25 -8.92 -26.64 4.24
C GLY A 25 -7.41 -26.63 4.37
N THR A 26 -6.79 -27.73 3.97
CA THR A 26 -5.34 -27.80 3.91
C THR A 26 -4.84 -26.94 2.76
N GLN A 27 -3.95 -26.00 3.06
CA GLN A 27 -3.44 -25.07 2.06
C GLN A 27 -2.13 -25.59 1.50
N THR A 28 -2.03 -25.65 0.17
CA THR A 28 -0.79 -25.96 -0.53
C THR A 28 -0.31 -24.68 -1.18
N VAL A 29 0.83 -24.19 -0.75
CA VAL A 29 1.40 -22.94 -1.25
C VAL A 29 2.68 -23.26 -2.01
N ASN A 30 2.70 -22.94 -3.29
CA ASN A 30 3.86 -23.18 -4.12
C ASN A 30 4.46 -21.84 -4.50
N VAL A 31 5.78 -21.73 -4.39
CA VAL A 31 6.51 -20.52 -4.70
C VAL A 31 7.42 -20.84 -5.87
N LEU A 32 7.19 -20.14 -6.98
CA LEU A 32 7.98 -20.34 -8.20
C LEU A 32 8.94 -19.18 -8.35
N VAL A 33 10.18 -19.50 -8.71
CA VAL A 33 11.18 -18.50 -9.07
C VAL A 33 11.64 -18.83 -10.47
N ASN A 34 11.59 -17.86 -11.38
CA ASN A 34 11.98 -18.11 -12.77
C ASN A 34 11.10 -19.21 -13.38
N ASN A 35 9.82 -19.20 -13.01
CA ASN A 35 8.82 -20.18 -13.42
C ASN A 35 9.10 -21.61 -12.93
N GLU A 36 9.97 -21.76 -11.94
CA GLU A 36 10.35 -23.07 -11.46
C GLU A 36 10.07 -23.17 -9.97
N THR A 37 9.53 -24.30 -9.56
CA THR A 37 9.17 -24.50 -8.16
C THR A 37 10.41 -24.41 -7.27
N ALA A 38 10.36 -23.50 -6.30
CA ALA A 38 11.47 -23.26 -5.39
C ALA A 38 11.14 -23.60 -3.94
N ALA A 39 9.85 -23.57 -3.57
CA ALA A 39 9.43 -23.99 -2.24
C ALA A 39 7.97 -24.37 -2.31
N THR A 40 7.59 -25.34 -1.47
CA THR A 40 6.20 -25.75 -1.37
C THR A 40 5.88 -25.90 0.11
N PHE A 41 4.83 -25.22 0.56
CA PHE A 41 4.35 -25.33 1.92
C PHE A 41 3.00 -26.05 1.93
N SER A 42 2.74 -26.76 3.02
CA SER A 42 1.45 -27.42 3.20
C SER A 42 1.10 -27.33 4.67
N GLY A 43 -0.13 -26.90 4.97
CA GLY A 43 -0.53 -26.79 6.35
C GLY A 43 -1.98 -26.39 6.48
N GLN A 44 -2.50 -26.53 7.69
CA GLN A 44 -3.87 -26.17 7.99
C GLN A 44 -3.93 -25.56 9.38
N SER A 45 -4.72 -24.49 9.51
CA SER A 45 -4.91 -23.82 10.79
C SER A 45 -6.09 -22.87 10.63
N THR A 46 -6.84 -22.68 11.71
CA THR A 46 -7.82 -21.59 11.77
C THR A 46 -7.37 -20.49 12.74
N ASN A 47 -6.09 -20.46 13.08
CA ASN A 47 -5.55 -19.49 14.03
C ASN A 47 -4.23 -18.89 13.54
N ASN A 48 -4.09 -18.74 12.22
CA ASN A 48 -2.99 -17.99 11.63
C ASN A 48 -1.64 -18.67 11.82
N ALA A 49 -1.62 -19.99 12.00
CA ALA A 49 -0.34 -20.67 12.17
C ALA A 49 0.55 -20.44 10.97
N VAL A 50 1.85 -20.27 11.22
CA VAL A 50 2.82 -20.26 10.14
C VAL A 50 2.94 -21.68 9.61
N ILE A 51 2.58 -21.87 8.34
CA ILE A 51 2.69 -23.18 7.70
C ILE A 51 4.00 -23.34 6.94
N GLY A 52 4.75 -22.27 6.74
CA GLY A 52 6.06 -22.36 6.12
C GLY A 52 6.73 -21.01 6.14
N THR A 53 8.04 -20.99 6.29
CA THR A 53 8.83 -19.77 6.15
C THR A 53 10.20 -20.17 5.65
N GLN A 54 10.70 -19.46 4.65
CA GLN A 54 11.92 -19.87 3.96
C GLN A 54 12.57 -18.64 3.37
N VAL A 55 13.90 -18.68 3.26
CA VAL A 55 14.65 -17.67 2.54
C VAL A 55 14.95 -18.24 1.16
N LEU A 56 14.64 -17.48 0.13
CA LEU A 56 14.90 -17.86 -1.25
C LEU A 56 15.70 -16.76 -1.92
N ASN A 57 16.21 -17.07 -3.10
CA ASN A 57 16.88 -16.08 -3.94
C ASN A 57 16.00 -15.83 -5.15
N SER A 58 15.80 -14.55 -5.49
CA SER A 58 14.95 -14.19 -6.61
C SER A 58 15.54 -14.62 -7.95
N GLY A 59 16.79 -15.04 -7.97
CA GLY A 59 17.43 -15.56 -9.18
C GLY A 59 17.62 -14.53 -10.27
N SER A 60 18.04 -15.04 -11.43
CA SER A 60 18.44 -14.17 -12.52
C SER A 60 17.28 -13.42 -13.14
N SER A 61 16.06 -13.94 -13.04
CA SER A 61 14.92 -13.23 -13.62
C SER A 61 14.26 -12.29 -12.61
N GLY A 62 14.39 -12.59 -11.32
CA GLY A 62 13.62 -11.89 -10.31
C GLY A 62 12.14 -12.20 -10.30
N LYS A 63 11.65 -13.10 -11.15
CA LYS A 63 10.21 -13.34 -11.22
C LYS A 63 9.82 -14.34 -10.14
N VAL A 64 8.93 -13.93 -9.24
CA VAL A 64 8.44 -14.76 -8.16
C VAL A 64 6.93 -14.89 -8.32
N GLN A 65 6.42 -16.13 -8.22
CA GLN A 65 4.99 -16.37 -8.35
C GLN A 65 4.53 -17.25 -7.21
N VAL A 66 3.41 -16.87 -6.59
CA VAL A 66 2.79 -17.63 -5.51
C VAL A 66 1.52 -18.28 -6.05
N GLN A 67 1.43 -19.61 -5.91
CA GLN A 67 0.24 -20.36 -6.24
C GLN A 67 -0.33 -20.94 -4.95
N VAL A 68 -1.65 -20.93 -4.81
CA VAL A 68 -2.32 -21.55 -3.67
C VAL A 68 -3.40 -22.48 -4.19
N SER A 69 -3.44 -23.70 -3.67
CA SER A 69 -4.51 -24.63 -3.99
C SER A 69 -4.93 -25.38 -2.74
N VAL A 70 -6.19 -25.82 -2.75
CA VAL A 70 -6.75 -26.65 -1.68
C VAL A 70 -7.33 -27.89 -2.33
N ASN A 71 -6.81 -29.06 -1.97
CA ASN A 71 -7.25 -30.34 -2.53
C ASN A 71 -7.21 -30.31 -4.06
N GLY A 72 -6.18 -29.68 -4.61
CA GLY A 72 -5.99 -29.62 -6.04
C GLY A 72 -6.76 -28.52 -6.75
N ARG A 73 -7.60 -27.76 -6.05
CA ARG A 73 -8.35 -26.68 -6.69
C ARG A 73 -7.65 -25.36 -6.45
N PRO A 74 -7.31 -24.60 -7.50
CA PRO A 74 -6.67 -23.31 -7.30
C PRO A 74 -7.58 -22.36 -6.52
N SER A 75 -7.01 -21.71 -5.51
CA SER A 75 -7.74 -20.65 -4.81
C SER A 75 -7.71 -19.37 -5.61
N ASP A 76 -8.69 -18.52 -5.37
CA ASP A 76 -8.70 -17.18 -5.97
C ASP A 76 -7.74 -16.29 -5.19
N LEU A 77 -6.86 -15.60 -5.89
CA LEU A 77 -5.81 -14.81 -5.26
C LEU A 77 -6.08 -13.32 -5.38
N VAL A 78 -5.63 -12.59 -4.37
CA VAL A 78 -5.51 -11.13 -4.40
C VAL A 78 -4.09 -10.79 -3.96
N SER A 79 -3.50 -9.76 -4.56
CA SER A 79 -2.12 -9.44 -4.23
C SER A 79 -1.83 -7.98 -4.49
N ALA A 80 -0.76 -7.51 -3.86
CA ALA A 80 -0.18 -6.19 -4.17
C ALA A 80 1.24 -6.15 -3.61
N GLN A 81 2.00 -5.16 -4.07
CA GLN A 81 3.32 -4.91 -3.52
C GLN A 81 3.34 -3.50 -2.96
N VAL A 82 3.96 -3.33 -1.79
CA VAL A 82 4.06 -2.04 -1.13
C VAL A 82 5.50 -1.79 -0.73
N ILE A 83 5.96 -0.54 -0.90
CA ILE A 83 7.34 -0.18 -0.65
C ILE A 83 7.38 0.99 0.32
N LEU A 84 8.11 0.83 1.41
CA LEU A 84 8.23 1.86 2.44
C LEU A 84 9.63 2.45 2.40
N THR A 85 9.68 3.78 2.57
CA THR A 85 10.90 4.60 2.50
C THR A 85 11.80 4.19 1.33
N ASN A 86 11.17 3.84 0.21
CA ASN A 86 11.86 3.55 -1.04
C ASN A 86 12.87 2.41 -0.90
N GLU A 87 12.67 1.52 0.06
CA GLU A 87 13.70 0.53 0.39
C GLU A 87 13.09 -0.80 0.83
N LEU A 88 12.12 -0.75 1.74
CA LEU A 88 11.58 -1.96 2.34
C LEU A 88 10.38 -2.43 1.54
N ASN A 89 10.44 -3.67 1.04
CA ASN A 89 9.45 -4.18 0.10
C ASN A 89 8.66 -5.32 0.72
N PHE A 90 7.34 -5.26 0.54
CA PHE A 90 6.43 -6.34 0.90
C PHE A 90 5.64 -6.71 -0.34
N ALA A 91 5.58 -8.01 -0.63
CA ALA A 91 4.70 -8.55 -1.65
C ALA A 91 3.70 -9.43 -0.92
N LEU A 92 2.42 -9.10 -1.07
CA LEU A 92 1.36 -9.62 -0.20
C LEU A 92 0.38 -10.42 -1.05
N VAL A 93 -0.04 -11.58 -0.54
CA VAL A 93 -0.99 -12.43 -1.24
C VAL A 93 -2.05 -12.88 -0.24
N GLY A 94 -3.32 -12.72 -0.61
CA GLY A 94 -4.39 -13.40 0.09
C GLY A 94 -5.05 -14.38 -0.84
N SER A 95 -5.82 -15.32 -0.30
CA SER A 95 -6.42 -16.33 -1.16
C SER A 95 -7.72 -16.82 -0.53
N GLU A 96 -8.65 -17.22 -1.39
CA GLU A 96 -9.97 -17.68 -0.98
C GLU A 96 -10.20 -19.08 -1.54
N ASP A 97 -10.46 -20.04 -0.65
CA ASP A 97 -10.69 -21.42 -1.06
C ASP A 97 -12.16 -21.80 -1.07
N GLY A 98 -13.05 -20.89 -0.68
CA GLY A 98 -14.46 -21.20 -0.59
C GLY A 98 -15.33 -20.05 -1.03
N THR A 99 -16.37 -19.75 -0.24
CA THR A 99 -17.35 -18.76 -0.63
C THR A 99 -17.59 -17.64 0.38
N ASP A 100 -16.90 -17.65 1.53
CA ASP A 100 -17.10 -16.57 2.49
C ASP A 100 -16.30 -15.31 2.16
N ASN A 101 -15.32 -15.42 1.26
CA ASN A 101 -14.59 -14.25 0.75
C ASN A 101 -13.87 -13.48 1.87
N ASP A 102 -13.31 -14.19 2.84
CA ASP A 102 -12.40 -13.54 3.77
C ASP A 102 -10.98 -13.40 3.21
N TYR A 103 -10.63 -14.18 2.20
CA TYR A 103 -9.37 -14.05 1.48
C TYR A 103 -8.15 -14.23 2.39
N ASN A 104 -8.31 -14.92 3.52
CA ASN A 104 -7.22 -15.14 4.43
C ASN A 104 -6.85 -16.61 4.53
N ASP A 105 -7.40 -17.46 3.68
CA ASP A 105 -7.33 -18.90 3.89
C ASP A 105 -5.88 -19.39 3.83
N ALA A 106 -5.11 -18.86 2.88
CA ALA A 106 -3.66 -18.83 2.96
C ALA A 106 -3.26 -17.39 2.74
N VAL A 107 -2.48 -16.84 3.66
CA VAL A 107 -1.91 -15.50 3.52
C VAL A 107 -0.41 -15.66 3.34
N VAL A 108 0.15 -15.06 2.30
CA VAL A 108 1.56 -15.17 1.99
C VAL A 108 2.17 -13.79 2.01
N VAL A 109 3.28 -13.64 2.75
CA VAL A 109 4.02 -12.40 2.86
C VAL A 109 5.44 -12.65 2.36
N ILE A 110 5.86 -11.87 1.36
CA ILE A 110 7.21 -11.90 0.84
C ILE A 110 7.86 -10.58 1.22
N ASN A 111 9.07 -10.64 1.79
CA ASN A 111 9.75 -9.41 2.19
C ASN A 111 11.20 -9.39 1.74
N TRP A 112 11.67 -8.22 1.36
CA TRP A 112 13.05 -8.00 1.02
C TRP A 112 13.34 -6.52 1.16
N PRO A 113 14.62 -6.12 1.29
CA PRO A 113 15.83 -6.95 1.36
C PRO A 113 15.98 -7.65 2.70
N LEU A 114 16.87 -8.63 2.74
CA LEU A 114 17.21 -9.33 3.96
C LEU A 114 18.61 -8.94 4.38
N GLY A 115 19.00 -9.39 5.57
CA GLY A 115 20.36 -9.22 6.04
C GLY A 115 20.62 -7.95 6.83
N ALA B 2 5.95 11.98 11.16
CA ALA B 2 4.62 11.49 11.54
C ALA B 2 4.76 10.25 12.40
N THR B 3 3.77 10.01 13.24
CA THR B 3 3.76 8.80 14.04
C THR B 3 3.75 7.58 13.13
N GLN B 4 4.50 6.56 13.51
CA GLN B 4 4.58 5.31 12.76
C GLN B 4 4.46 4.15 13.73
N GLY B 5 3.94 3.03 13.23
CA GLY B 5 3.78 1.83 14.04
C GLY B 5 2.52 1.80 14.89
N VAL B 6 1.59 2.72 14.67
CA VAL B 6 0.33 2.78 15.41
C VAL B 6 -0.81 2.50 14.43
N PHE B 7 -1.67 1.56 14.77
CA PHE B 7 -2.76 1.16 13.88
C PHE B 7 -4.04 1.06 14.66
N THR B 8 -5.13 1.55 14.08
CA THR B 8 -6.46 1.39 14.65
C THR B 8 -7.12 0.19 13.99
N LEU B 9 -7.34 -0.85 14.76
CA LEU B 9 -8.10 -2.02 14.33
C LEU B 9 -9.53 -1.90 14.82
N PRO B 10 -10.47 -2.61 14.20
CA PRO B 10 -11.80 -2.70 14.80
C PRO B 10 -11.67 -3.29 16.20
N ALA B 11 -12.58 -2.87 17.08
CA ALA B 11 -12.52 -3.31 18.47
C ALA B 11 -12.69 -4.82 18.55
N ASN B 12 -12.01 -5.43 19.53
CA ASN B 12 -12.20 -6.82 19.93
C ASN B 12 -11.90 -7.81 18.80
N THR B 13 -10.96 -7.48 17.93
CA THR B 13 -10.65 -8.29 16.76
C THR B 13 -9.39 -9.12 17.01
N ARG B 14 -9.47 -10.40 16.69
CA ARG B 14 -8.30 -11.27 16.67
C ARG B 14 -7.39 -10.87 15.51
N PHE B 15 -6.10 -10.73 15.78
CA PHE B 15 -5.14 -10.41 14.73
C PHE B 15 -3.83 -11.16 14.98
N GLY B 16 -3.10 -11.40 13.89
CA GLY B 16 -1.79 -12.03 13.97
C GLY B 16 -0.71 -10.97 13.95
N VAL B 17 0.35 -11.22 14.71
CA VAL B 17 1.54 -10.37 14.69
C VAL B 17 2.76 -11.27 14.62
N THR B 18 3.66 -10.97 13.68
CA THR B 18 4.82 -11.80 13.38
C THR B 18 6.00 -10.87 13.13
N ALA B 19 7.15 -11.20 13.71
CA ALA B 19 8.34 -10.38 13.58
C ALA B 19 9.50 -11.19 13.01
N PHE B 20 10.25 -10.56 12.12
CA PHE B 20 11.45 -11.10 11.49
C PHE B 20 12.62 -10.20 11.81
N ALA B 21 13.82 -10.79 11.92
CA ALA B 21 15.02 -10.04 12.24
C ALA B 21 16.04 -10.13 11.10
N ASN B 22 16.70 -9.00 10.81
CA ASN B 22 17.73 -8.89 9.77
C ASN B 22 18.77 -7.87 10.23
N SER B 23 19.58 -8.25 11.22
CA SER B 23 20.54 -7.34 11.82
C SER B 23 21.47 -8.14 12.70
N SER B 24 22.71 -7.66 12.84
CA SER B 24 23.61 -8.28 13.80
C SER B 24 23.18 -8.01 15.24
N GLY B 25 22.32 -7.02 15.47
CA GLY B 25 21.85 -6.70 16.81
C GLY B 25 20.57 -7.44 17.17
N THR B 26 20.47 -7.83 18.43
CA THR B 26 19.25 -8.45 18.91
C THR B 26 18.11 -7.45 18.86
N GLN B 27 16.99 -7.85 18.26
CA GLN B 27 15.81 -7.01 18.10
C GLN B 27 14.83 -7.29 19.22
N THR B 28 14.30 -6.23 19.81
CA THR B 28 13.25 -6.34 20.82
C THR B 28 12.01 -5.69 20.25
N VAL B 29 10.94 -6.48 20.08
CA VAL B 29 9.70 -6.01 19.47
C VAL B 29 8.62 -6.07 20.55
N ASN B 30 8.05 -4.92 20.89
CA ASN B 30 6.96 -4.84 21.84
C ASN B 30 5.68 -4.48 21.11
N VAL B 31 4.61 -5.22 21.40
CA VAL B 31 3.30 -4.97 20.80
C VAL B 31 2.38 -4.51 21.92
N LEU B 32 1.86 -3.30 21.80
CA LEU B 32 0.98 -2.71 22.81
C LEU B 32 -0.45 -2.74 22.30
N VAL B 33 -1.38 -3.15 23.16
CA VAL B 33 -2.79 -3.04 22.87
C VAL B 33 -3.40 -2.15 23.94
N ASN B 34 -4.08 -1.08 23.52
CA ASN B 34 -4.65 -0.11 24.46
C ASN B 34 -3.59 0.41 25.42
N ASN B 35 -2.40 0.67 24.87
CA ASN B 35 -1.26 1.27 25.58
C ASN B 35 -0.61 0.34 26.61
N GLU B 36 -0.93 -0.95 26.59
CA GLU B 36 -0.33 -1.90 27.51
C GLU B 36 0.37 -3.00 26.72
N THR B 37 1.52 -3.45 27.20
CA THR B 37 2.27 -4.48 26.50
C THR B 37 1.48 -5.79 26.46
N ALA B 38 1.24 -6.29 25.25
CA ALA B 38 0.52 -7.53 25.04
C ALA B 38 1.40 -8.66 24.53
N ALA B 39 2.54 -8.33 23.93
CA ALA B 39 3.47 -9.35 23.46
C ALA B 39 4.84 -8.71 23.34
N THR B 40 5.86 -9.52 23.58
CA THR B 40 7.24 -9.10 23.42
C THR B 40 8.00 -10.20 22.72
N PHE B 41 8.59 -9.87 21.57
CA PHE B 41 9.44 -10.79 20.83
C PHE B 41 10.89 -10.32 20.95
N SER B 42 11.82 -11.27 21.01
CA SER B 42 13.23 -10.92 21.01
C SER B 42 14.01 -12.02 20.29
N GLY B 43 14.95 -11.60 19.45
CA GLY B 43 15.79 -12.57 18.76
C GLY B 43 16.76 -11.85 17.85
N GLN B 44 17.75 -12.61 17.40
CA GLN B 44 18.79 -12.10 16.52
C GLN B 44 18.89 -13.00 15.30
N SER B 45 18.94 -12.39 14.12
CA SER B 45 19.13 -13.13 12.88
C SER B 45 19.53 -12.13 11.80
N THR B 46 20.39 -12.58 10.88
CA THR B 46 20.62 -11.85 9.64
C THR B 46 20.03 -12.57 8.44
N ASN B 47 19.13 -13.53 8.69
CA ASN B 47 18.53 -14.38 7.67
C ASN B 47 17.00 -14.43 7.81
N ASN B 48 16.41 -13.34 8.31
CA ASN B 48 14.95 -13.18 8.31
C ASN B 48 14.26 -14.19 9.21
N ALA B 49 14.94 -14.70 10.23
CA ALA B 49 14.29 -15.67 11.10
C ALA B 49 13.07 -15.03 11.76
N VAL B 50 12.03 -15.84 11.91
CA VAL B 50 10.86 -15.44 12.71
C VAL B 50 11.29 -15.43 14.18
N ILE B 51 11.34 -14.25 14.78
CA ILE B 51 11.66 -14.13 16.20
C ILE B 51 10.42 -14.19 17.08
N GLY B 52 9.23 -14.08 16.50
CA GLY B 52 8.00 -14.29 17.24
C GLY B 52 6.78 -14.27 16.34
N THR B 53 5.78 -15.05 16.70
CA THR B 53 4.48 -14.98 16.03
C THR B 53 3.42 -15.31 17.07
N GLN B 54 2.35 -14.54 17.07
CA GLN B 54 1.36 -14.66 18.14
C GLN B 54 0.03 -14.13 17.63
N VAL B 55 -1.04 -14.61 18.24
CA VAL B 55 -2.39 -14.11 17.99
C VAL B 55 -2.82 -13.31 19.20
N LEU B 56 -3.23 -12.06 18.96
CA LEU B 56 -3.67 -11.14 20.00
C LEU B 56 -5.08 -10.65 19.69
N ASN B 57 -5.66 -9.94 20.63
CA ASN B 57 -6.97 -9.32 20.45
C ASN B 57 -6.82 -7.80 20.62
N SER B 58 -7.46 -7.05 19.72
CA SER B 58 -7.31 -5.60 19.71
C SER B 58 -8.07 -4.91 20.83
N GLY B 59 -8.91 -5.61 21.56
CA GLY B 59 -9.53 -5.02 22.74
C GLY B 59 -10.54 -3.91 22.44
N SER B 60 -10.98 -3.27 23.52
CA SER B 60 -12.08 -2.32 23.43
C SER B 60 -11.71 -1.10 22.62
N SER B 61 -10.44 -0.69 22.61
CA SER B 61 -10.03 0.51 21.90
C SER B 61 -9.61 0.25 20.47
N GLY B 62 -9.19 -0.97 20.15
CA GLY B 62 -8.65 -1.27 18.84
C GLY B 62 -7.27 -0.70 18.57
N LYS B 63 -6.65 -0.03 19.54
CA LYS B 63 -5.37 0.63 19.31
C LYS B 63 -4.23 -0.38 19.47
N VAL B 64 -3.46 -0.57 18.40
CA VAL B 64 -2.31 -1.46 18.40
C VAL B 64 -1.08 -0.64 18.04
N GLN B 65 -0.01 -0.79 18.83
CA GLN B 65 1.24 -0.09 18.59
C GLN B 65 2.41 -1.06 18.61
N VAL B 66 3.30 -0.92 17.63
CA VAL B 66 4.53 -1.68 17.55
C VAL B 66 5.69 -0.77 17.93
N GLN B 67 6.55 -1.24 18.82
CA GLN B 67 7.77 -0.55 19.17
C GLN B 67 8.93 -1.52 19.00
N VAL B 68 10.03 -1.01 18.48
CA VAL B 68 11.23 -1.81 18.24
C VAL B 68 12.41 -1.10 18.90
N SER B 69 13.20 -1.85 19.66
CA SER B 69 14.41 -1.32 20.23
C SER B 69 15.51 -2.36 20.13
N VAL B 70 16.75 -1.87 20.12
CA VAL B 70 17.93 -2.70 19.96
C VAL B 70 18.93 -2.24 21.01
N ASN B 71 19.24 -3.12 21.96
CA ASN B 71 20.12 -2.78 23.07
C ASN B 71 19.66 -1.52 23.79
N GLY B 72 18.35 -1.43 24.02
CA GLY B 72 17.78 -0.32 24.76
C GLY B 72 17.49 0.92 23.94
N ARG B 73 17.93 0.96 22.69
CA ARG B 73 17.79 2.13 21.83
C ARG B 73 16.60 1.95 20.92
N PRO B 74 15.60 2.84 20.95
CA PRO B 74 14.47 2.72 20.03
C PRO B 74 14.92 2.86 18.58
N SER B 75 14.41 1.99 17.72
CA SER B 75 14.71 2.07 16.30
C SER B 75 13.75 3.03 15.61
N ASP B 76 14.20 3.57 14.49
CA ASP B 76 13.34 4.42 13.66
C ASP B 76 12.38 3.53 12.87
N LEU B 77 11.10 3.88 12.89
CA LEU B 77 10.06 3.03 12.31
C LEU B 77 9.50 3.62 11.03
N VAL B 78 9.14 2.75 10.10
CA VAL B 78 8.30 3.07 8.95
C VAL B 78 7.12 2.12 8.95
N SER B 79 5.95 2.61 8.53
CA SER B 79 4.76 1.77 8.60
C SER B 79 3.72 2.20 7.58
N ALA B 80 2.80 1.28 7.32
CA ALA B 80 1.64 1.53 6.47
C ALA B 80 0.65 0.40 6.68
N GLN B 81 -0.61 0.67 6.35
CA GLN B 81 -1.64 -0.35 6.34
C GLN B 81 -2.17 -0.52 4.92
N VAL B 82 -2.36 -1.76 4.49
CA VAL B 82 -2.82 -2.08 3.15
C VAL B 82 -4.03 -2.99 3.25
N ILE B 83 -5.07 -2.71 2.47
CA ILE B 83 -6.30 -3.51 2.47
C ILE B 83 -6.54 -4.04 1.07
N LEU B 84 -6.69 -5.35 0.96
CA LEU B 84 -6.97 -6.02 -0.30
C LEU B 84 -8.42 -6.45 -0.34
N THR B 85 -9.05 -6.30 -1.51
CA THR B 85 -10.45 -6.63 -1.77
C THR B 85 -11.37 -6.17 -0.63
N ASN B 86 -11.06 -5.01 -0.05
CA ASN B 86 -11.90 -4.36 0.95
C ASN B 86 -12.11 -5.25 2.17
N GLU B 87 -11.15 -6.14 2.47
CA GLU B 87 -11.42 -7.14 3.50
C GLU B 87 -10.16 -7.58 4.22
N LEU B 88 -9.09 -7.83 3.46
CA LEU B 88 -7.88 -8.44 4.00
C LEU B 88 -6.89 -7.34 4.34
N ASN B 89 -6.51 -7.25 5.61
CA ASN B 89 -5.74 -6.14 6.14
C ASN B 89 -4.33 -6.58 6.52
N PHE B 90 -3.35 -5.76 6.14
CA PHE B 90 -1.98 -5.89 6.58
C PHE B 90 -1.55 -4.57 7.20
N ALA B 91 -1.01 -4.63 8.40
CA ALA B 91 -0.34 -3.49 9.01
C ALA B 91 1.14 -3.83 9.07
N LEU B 92 1.97 -3.01 8.43
CA LEU B 92 3.34 -3.36 8.13
C LEU B 92 4.29 -2.38 8.81
N VAL B 93 5.36 -2.90 9.39
CA VAL B 93 6.35 -2.09 10.08
C VAL B 93 7.74 -2.52 9.66
N GLY B 94 8.57 -1.54 9.33
CA GLY B 94 10.01 -1.76 9.25
C GLY B 94 10.75 -0.88 10.24
N SER B 95 12.01 -1.19 10.51
CA SER B 95 12.74 -0.45 11.52
C SER B 95 14.22 -0.46 11.19
N GLU B 96 14.90 0.60 11.61
CA GLU B 96 16.33 0.79 11.35
C GLU B 96 17.04 1.02 12.68
N ASP B 97 18.02 0.18 12.98
CA ASP B 97 18.77 0.30 14.22
C ASP B 97 20.14 0.93 14.02
N GLY B 98 20.49 1.31 12.80
CA GLY B 98 21.83 1.79 12.53
C GLY B 98 21.87 2.89 11.48
N THR B 99 22.81 2.80 10.56
CA THR B 99 23.04 3.86 9.59
C THR B 99 22.92 3.43 8.13
N ASP B 100 22.74 2.14 7.84
CA ASP B 100 22.66 1.71 6.44
C ASP B 100 21.28 1.93 5.83
N ASN B 101 20.26 2.16 6.64
CA ASN B 101 18.93 2.51 6.15
C ASN B 101 18.31 1.43 5.26
N ASP B 102 18.52 0.16 5.63
CA ASP B 102 17.77 -0.90 4.96
C ASP B 102 16.39 -1.12 5.56
N TYR B 103 16.15 -0.63 6.77
CA TYR B 103 14.81 -0.62 7.39
C TYR B 103 14.19 -2.01 7.53
N ASN B 104 15.02 -3.05 7.59
CA ASN B 104 14.57 -4.42 7.74
C ASN B 104 15.05 -5.06 9.03
N ASP B 105 15.69 -4.27 9.90
CA ASP B 105 16.40 -4.86 11.05
C ASP B 105 15.43 -5.64 11.92
N ALA B 106 14.25 -5.09 12.16
CA ALA B 106 13.08 -5.84 12.59
C ALA B 106 11.94 -5.49 11.64
N VAL B 107 11.31 -6.52 11.09
CA VAL B 107 10.16 -6.37 10.20
C VAL B 107 8.97 -7.00 10.89
N VAL B 108 7.87 -6.26 11.01
CA VAL B 108 6.71 -6.72 11.74
C VAL B 108 5.50 -6.71 10.81
N VAL B 109 4.78 -7.84 10.78
CA VAL B 109 3.60 -8.00 9.94
C VAL B 109 2.42 -8.30 10.85
N ILE B 110 1.40 -7.47 10.77
CA ILE B 110 0.13 -7.67 11.46
C ILE B 110 -0.93 -7.97 10.41
N ASN B 111 -1.74 -9.01 10.63
CA ASN B 111 -2.74 -9.38 9.65
C ASN B 111 -4.05 -9.74 10.32
N TRP B 112 -5.14 -9.40 9.65
CA TRP B 112 -6.49 -9.74 10.07
C TRP B 112 -7.41 -9.57 8.88
N PRO B 113 -8.60 -10.18 8.88
CA PRO B 113 -9.18 -11.05 9.90
C PRO B 113 -8.50 -12.42 9.89
N LEU B 114 -8.66 -13.14 11.00
CA LEU B 114 -8.18 -14.50 11.11
C LEU B 114 -9.34 -15.47 11.02
N GLY B 115 -9.02 -16.76 10.96
CA GLY B 115 -10.04 -17.80 11.04
C GLY B 115 -10.61 -18.31 9.74
N ALA C 2 -11.53 -11.88 -7.30
CA ALA C 2 -12.13 -11.19 -6.18
C ALA C 2 -12.73 -9.89 -6.64
N THR C 3 -13.72 -9.40 -5.89
CA THR C 3 -14.27 -8.09 -6.17
C THR C 3 -13.18 -7.02 -6.06
N GLN C 4 -13.21 -6.07 -6.99
CA GLN C 4 -12.27 -4.95 -6.98
C GLN C 4 -13.06 -3.67 -7.17
N GLY C 5 -12.46 -2.57 -6.75
CA GLY C 5 -13.09 -1.26 -6.92
C GLY C 5 -14.15 -0.91 -5.91
N VAL C 6 -14.25 -1.66 -4.81
CA VAL C 6 -15.23 -1.40 -3.76
C VAL C 6 -14.47 -1.10 -2.47
N PHE C 7 -14.86 -0.02 -1.80
CA PHE C 7 -14.16 0.42 -0.60
C PHE C 7 -15.17 0.86 0.44
N THR C 8 -14.93 0.49 1.69
CA THR C 8 -15.75 0.98 2.79
C THR C 8 -15.07 2.17 3.43
N LEU C 9 -15.69 3.32 3.35
CA LEU C 9 -15.21 4.53 3.98
C LEU C 9 -15.98 4.78 5.25
N PRO C 10 -15.44 5.62 6.15
CA PRO C 10 -16.25 6.10 7.28
C PRO C 10 -17.48 6.80 6.75
N ALA C 11 -18.56 6.76 7.52
CA ALA C 11 -19.82 7.34 7.04
C ALA C 11 -19.74 8.86 7.05
N ASN C 12 -20.58 9.47 6.20
CA ASN C 12 -20.76 10.93 6.17
C ASN C 12 -19.44 11.67 6.02
N THR C 13 -18.54 11.12 5.22
CA THR C 13 -17.19 11.67 5.10
C THR C 13 -16.97 12.13 3.67
N ARG C 14 -16.43 13.34 3.53
CA ARG C 14 -16.09 13.84 2.20
C ARG C 14 -14.81 13.18 1.73
N PHE C 15 -14.79 12.84 0.44
CA PHE C 15 -13.61 12.26 -0.17
C PHE C 15 -13.45 12.81 -1.57
N GLY C 16 -12.20 12.84 -2.03
CA GLY C 16 -11.91 13.25 -3.39
C GLY C 16 -11.85 12.02 -4.28
N VAL C 17 -12.33 12.17 -5.51
CA VAL C 17 -12.21 11.12 -6.51
C VAL C 17 -11.74 11.76 -7.81
N THR C 18 -10.67 11.20 -8.38
CA THR C 18 -10.03 11.78 -9.56
C THR C 18 -9.71 10.64 -10.53
N ALA C 19 -10.01 10.86 -11.81
CA ALA C 19 -9.79 9.84 -12.84
C ALA C 19 -8.85 10.36 -13.91
N PHE C 20 -7.93 9.51 -14.33
CA PHE C 20 -6.96 9.78 -15.38
C PHE C 20 -7.15 8.75 -16.49
N ALA C 21 -6.89 9.15 -17.74
CA ALA C 21 -7.11 8.27 -18.87
C ALA C 21 -5.80 8.01 -19.60
N ASN C 22 -5.61 6.77 -20.05
CA ASN C 22 -4.42 6.37 -20.80
C ASN C 22 -4.84 5.29 -21.80
N SER C 23 -5.59 5.67 -22.82
CA SER C 23 -6.14 4.69 -23.75
C SER C 23 -6.71 5.41 -24.96
N SER C 24 -6.73 4.71 -26.09
CA SER C 24 -7.46 5.22 -27.24
C SER C 24 -8.96 5.18 -27.03
N GLY C 25 -9.44 4.32 -26.14
CA GLY C 25 -10.86 4.22 -25.90
C GLY C 25 -11.33 5.29 -24.92
N THR C 26 -12.54 5.79 -25.17
CA THR C 26 -13.17 6.73 -24.25
C THR C 26 -13.59 6.00 -22.98
N GLN C 27 -13.15 6.50 -21.85
CA GLN C 27 -13.39 5.88 -20.55
C GLN C 27 -14.61 6.51 -19.89
N THR C 28 -15.54 5.68 -19.44
CA THR C 28 -16.69 6.12 -18.65
C THR C 28 -16.47 5.58 -17.25
N VAL C 29 -16.26 6.49 -16.30
CA VAL C 29 -16.00 6.13 -14.90
C VAL C 29 -17.23 6.54 -14.11
N ASN C 30 -17.86 5.56 -13.47
CA ASN C 30 -19.01 5.80 -12.61
C ASN C 30 -18.58 5.56 -11.17
N VAL C 31 -18.85 6.52 -10.30
CA VAL C 31 -18.53 6.40 -8.89
C VAL C 31 -19.85 6.28 -8.15
N LEU C 32 -20.08 5.11 -7.54
CA LEU C 32 -21.32 4.85 -6.84
C LEU C 32 -21.10 4.99 -5.34
N VAL C 33 -22.04 5.66 -4.68
CA VAL C 33 -22.03 5.78 -3.23
C VAL C 33 -23.31 5.12 -2.75
N ASN C 34 -23.15 4.11 -1.89
CA ASN C 34 -24.29 3.35 -1.37
C ASN C 34 -25.17 2.84 -2.50
N ASN C 35 -24.52 2.31 -3.54
CA ASN C 35 -25.12 1.61 -4.67
C ASN C 35 -25.82 2.52 -5.67
N GLU C 36 -25.58 3.84 -5.62
CA GLU C 36 -26.18 4.76 -6.57
C GLU C 36 -25.10 5.71 -7.09
N THR C 37 -25.17 6.00 -8.39
CA THR C 37 -24.15 6.84 -9.01
C THR C 37 -24.17 8.24 -8.38
N ALA C 38 -22.99 8.67 -7.91
CA ALA C 38 -22.80 10.01 -7.37
C ALA C 38 -21.97 10.90 -8.29
N ALA C 39 -21.13 10.31 -9.14
CA ALA C 39 -20.36 11.07 -10.12
C ALA C 39 -20.15 10.19 -11.34
N THR C 40 -20.12 10.83 -12.51
CA THR C 40 -19.78 10.12 -13.75
C THR C 40 -18.81 10.99 -14.52
N PHE C 41 -17.69 10.40 -14.94
CA PHE C 41 -16.71 11.07 -15.78
C PHE C 41 -16.63 10.34 -17.12
N SER C 42 -16.50 11.08 -18.21
CA SER C 42 -16.31 10.48 -19.51
C SER C 42 -15.23 11.25 -20.25
N GLY C 43 -14.13 10.60 -20.57
CA GLY C 43 -13.06 11.29 -21.28
C GLY C 43 -12.13 10.35 -22.00
N GLN C 44 -11.24 10.94 -22.78
CA GLN C 44 -10.28 10.13 -23.55
C GLN C 44 -8.96 10.87 -23.60
N SER C 45 -7.88 10.14 -23.30
CA SER C 45 -6.53 10.66 -23.36
C SER C 45 -5.57 9.49 -23.39
N THR C 46 -4.46 9.64 -24.12
CA THR C 46 -3.36 8.69 -24.04
C THR C 46 -2.17 9.26 -23.27
N ASN C 47 -2.38 10.34 -22.52
CA ASN C 47 -1.28 10.97 -21.80
C ASN C 47 -1.72 11.43 -20.43
N ASN C 48 -2.58 10.66 -19.77
CA ASN C 48 -2.85 10.82 -18.34
C ASN C 48 -3.66 12.07 -18.03
N ALA C 49 -4.43 12.59 -18.99
CA ALA C 49 -5.28 13.73 -18.70
C ALA C 49 -6.26 13.40 -17.58
N VAL C 50 -6.51 14.40 -16.74
CA VAL C 50 -7.56 14.30 -15.72
C VAL C 50 -8.90 14.41 -16.44
N ILE C 51 -9.67 13.32 -16.45
CA ILE C 51 -10.98 13.33 -17.10
C ILE C 51 -12.09 13.64 -16.12
N GLY C 52 -11.79 13.71 -14.83
CA GLY C 52 -12.77 14.18 -13.87
C GLY C 52 -12.16 14.26 -12.49
N THR C 53 -12.62 15.24 -11.71
CA THR C 53 -12.26 15.29 -10.29
C THR C 53 -13.40 15.92 -9.53
N GLN C 54 -13.70 15.39 -8.35
CA GLN C 54 -14.91 15.78 -7.66
C GLN C 54 -14.79 15.43 -6.19
N VAL C 55 -15.46 16.21 -5.35
CA VAL C 55 -15.60 15.89 -3.93
C VAL C 55 -16.99 15.31 -3.73
N LEU C 56 -17.04 14.12 -3.13
CA LEU C 56 -18.29 13.43 -2.83
C LEU C 56 -18.38 13.20 -1.34
N ASN C 57 -19.56 12.77 -0.90
CA ASN C 57 -19.79 12.39 0.49
C ASN C 57 -20.12 10.91 0.54
N SER C 58 -19.46 10.19 1.45
CA SER C 58 -19.67 8.75 1.57
C SER C 58 -21.05 8.37 2.09
N GLY C 59 -21.81 9.31 2.64
CA GLY C 59 -23.20 9.05 2.96
C GLY C 59 -23.41 8.13 4.15
N SER C 60 -24.59 7.52 4.15
CA SER C 60 -25.06 6.82 5.35
C SER C 60 -24.22 5.60 5.67
N SER C 61 -23.81 4.85 4.66
CA SER C 61 -23.17 3.56 4.89
C SER C 61 -21.72 3.50 4.47
N GLY C 62 -21.20 4.54 3.81
CA GLY C 62 -19.80 4.57 3.49
C GLY C 62 -19.36 3.67 2.35
N LYS C 63 -20.27 3.01 1.65
CA LYS C 63 -19.88 2.12 0.56
C LYS C 63 -19.60 2.93 -0.70
N VAL C 64 -18.40 2.78 -1.26
CA VAL C 64 -18.01 3.47 -2.48
C VAL C 64 -17.55 2.43 -3.50
N GLN C 65 -18.07 2.51 -4.72
CA GLN C 65 -17.71 1.57 -5.77
C GLN C 65 -17.36 2.32 -7.03
N VAL C 66 -16.23 1.96 -7.64
CA VAL C 66 -15.79 2.52 -8.91
C VAL C 66 -16.08 1.50 -10.00
N GLN C 67 -16.74 1.94 -11.08
CA GLN C 67 -16.95 1.12 -12.25
C GLN C 67 -16.38 1.83 -13.46
N VAL C 68 -15.76 1.08 -14.35
CA VAL C 68 -15.16 1.63 -15.57
C VAL C 68 -15.68 0.84 -16.75
N SER C 69 -16.12 1.54 -17.79
CA SER C 69 -16.54 0.87 -19.01
C SER C 69 -16.06 1.67 -20.22
N VAL C 70 -15.86 0.95 -21.31
CA VAL C 70 -15.45 1.52 -22.58
C VAL C 70 -16.41 1.00 -23.63
N ASN C 71 -17.17 1.91 -24.25
CA ASN C 71 -18.19 1.56 -25.25
C ASN C 71 -19.13 0.48 -24.72
N GLY C 72 -19.56 0.65 -23.47
CA GLY C 72 -20.50 -0.28 -22.85
C GLY C 72 -19.88 -1.55 -22.30
N ARG C 73 -18.59 -1.78 -22.52
CA ARG C 73 -17.94 -3.02 -22.05
C ARG C 73 -17.23 -2.74 -20.73
N PRO C 74 -17.56 -3.45 -19.66
CA PRO C 74 -16.87 -3.23 -18.39
C PRO C 74 -15.39 -3.60 -18.51
N SER C 75 -14.53 -2.73 -17.99
CA SER C 75 -13.11 -3.05 -17.98
C SER C 75 -12.77 -3.93 -16.79
N ASP C 76 -11.65 -4.65 -16.90
CA ASP C 76 -11.17 -5.44 -15.77
C ASP C 76 -10.47 -4.53 -14.77
N LEU C 77 -10.84 -4.63 -13.49
CA LEU C 77 -10.36 -3.70 -12.49
C LEU C 77 -9.33 -4.35 -11.57
N VAL C 78 -8.39 -3.54 -11.09
CA VAL C 78 -7.53 -3.88 -9.96
C VAL C 78 -7.60 -2.74 -8.95
N SER C 79 -7.48 -3.07 -7.67
CA SER C 79 -7.65 -2.06 -6.65
C SER C 79 -6.98 -2.45 -5.36
N ALA C 80 -6.71 -1.43 -4.54
CA ALA C 80 -6.27 -1.62 -3.15
C ALA C 80 -6.48 -0.31 -2.39
N GLN C 81 -6.46 -0.40 -1.07
CA GLN C 81 -6.49 0.77 -0.20
C GLN C 81 -5.22 0.80 0.63
N VAL C 82 -4.67 2.01 0.82
CA VAL C 82 -3.46 2.21 1.61
C VAL C 82 -3.68 3.34 2.60
N ILE C 83 -3.21 3.14 3.83
CA ILE C 83 -3.38 4.12 4.89
C ILE C 83 -2.00 4.50 5.42
N LEU C 84 -1.73 5.80 5.45
CA LEU C 84 -0.47 6.33 5.94
C LEU C 84 -0.68 7.04 7.27
N THR C 85 0.30 6.88 8.17
CA THR C 85 0.25 7.38 9.55
C THR C 85 -1.11 7.19 10.21
N ASN C 86 -1.78 6.08 9.90
CA ASN C 86 -3.03 5.68 10.54
C ASN C 86 -4.15 6.70 10.33
N GLU C 87 -4.08 7.49 9.25
CA GLU C 87 -5.00 8.61 9.13
C GLU C 87 -5.30 9.01 7.70
N LEU C 88 -4.29 9.00 6.83
CA LEU C 88 -4.46 9.47 5.45
C LEU C 88 -4.71 8.27 4.54
N ASN C 89 -5.84 8.30 3.84
CA ASN C 89 -6.33 7.14 3.10
C ASN C 89 -6.31 7.39 1.60
N PHE C 90 -5.84 6.39 0.86
CA PHE C 90 -5.94 6.34 -0.59
C PHE C 90 -6.64 5.05 -0.99
N ALA C 91 -7.64 5.16 -1.85
CA ALA C 91 -8.23 4.00 -2.50
C ALA C 91 -7.90 4.09 -3.98
N LEU C 92 -7.33 3.03 -4.53
CA LEU C 92 -6.65 3.06 -5.82
C LEU C 92 -7.32 2.06 -6.75
N VAL C 93 -7.56 2.49 -8.00
CA VAL C 93 -8.20 1.62 -9.00
C VAL C 93 -7.42 1.74 -10.30
N GLY C 94 -7.11 0.59 -10.90
CA GLY C 94 -6.64 0.53 -12.27
C GLY C 94 -7.60 -0.25 -13.13
N SER C 95 -7.52 -0.12 -14.46
CA SER C 95 -8.50 -0.80 -15.29
C SER C 95 -7.88 -1.10 -16.65
N GLU C 96 -8.30 -2.22 -17.24
CA GLU C 96 -7.81 -2.64 -18.54
C GLU C 96 -8.99 -2.82 -19.48
N ASP C 97 -8.95 -2.11 -20.61
CA ASP C 97 -10.02 -2.19 -21.60
C ASP C 97 -9.66 -3.04 -22.81
N GLY C 98 -8.46 -3.63 -22.83
CA GLY C 98 -7.99 -4.31 -24.02
C GLY C 98 -7.14 -5.52 -23.69
N THR C 99 -6.02 -5.68 -24.40
CA THR C 99 -5.22 -6.89 -24.29
C THR C 99 -3.78 -6.66 -23.84
N ASP C 100 -3.31 -5.42 -23.78
CA ASP C 100 -1.90 -5.18 -23.44
C ASP C 100 -1.61 -5.24 -21.95
N ASN C 101 -2.65 -5.18 -21.10
CA ASN C 101 -2.49 -5.41 -19.66
C ASN C 101 -1.60 -4.36 -19.00
N ASP C 102 -1.71 -3.11 -19.44
CA ASP C 102 -1.04 -2.03 -18.72
C ASP C 102 -1.89 -1.52 -17.55
N TYR C 103 -3.18 -1.81 -17.56
CA TYR C 103 -4.08 -1.53 -16.44
C TYR C 103 -4.13 -0.06 -16.05
N ASN C 104 -3.79 0.81 -17.01
CA ASN C 104 -3.82 2.26 -16.77
C ASN C 104 -4.88 2.96 -17.60
N ASP C 105 -5.77 2.20 -18.26
CA ASP C 105 -6.63 2.80 -19.27
C ASP C 105 -7.55 3.84 -18.66
N ALA C 106 -8.13 3.54 -17.50
CA ALA C 106 -8.60 4.54 -16.57
C ALA C 106 -7.95 4.26 -15.23
N VAL C 107 -7.34 5.28 -14.64
CA VAL C 107 -6.76 5.20 -13.30
C VAL C 107 -7.60 6.11 -12.40
N VAL C 108 -8.05 5.57 -11.27
CA VAL C 108 -8.91 6.31 -10.35
C VAL C 108 -8.26 6.33 -8.97
N VAL C 109 -8.16 7.51 -8.39
CA VAL C 109 -7.59 7.72 -7.07
C VAL C 109 -8.65 8.39 -6.20
N ILE C 110 -8.96 7.75 -5.07
CA ILE C 110 -9.85 8.30 -4.06
C ILE C 110 -9.00 8.65 -2.85
N ASN C 111 -9.23 9.82 -2.28
CA ASN C 111 -8.43 10.25 -1.12
C ASN C 111 -9.32 10.89 -0.06
N TRP C 112 -8.99 10.62 1.20
CA TRP C 112 -9.66 11.26 2.32
C TRP C 112 -8.76 11.14 3.54
N PRO C 113 -8.96 11.98 4.57
CA PRO C 113 -9.94 13.06 4.68
C PRO C 113 -9.56 14.28 3.87
N LEU C 114 -10.53 15.17 3.66
CA LEU C 114 -10.33 16.43 2.97
C LEU C 114 -10.39 17.58 3.97
N GLY C 115 -10.23 18.80 3.45
CA GLY C 115 -10.42 19.99 4.28
C GLY C 115 -9.20 20.49 5.01
N ALA D 2 12.56 8.29 8.94
CA ALA D 2 13.08 7.87 7.65
C ALA D 2 12.72 8.88 6.56
N THR D 3 13.50 8.89 5.50
CA THR D 3 13.21 9.75 4.35
C THR D 3 11.84 9.39 3.76
N GLN D 4 11.08 10.42 3.39
CA GLN D 4 9.80 10.25 2.74
C GLN D 4 9.77 11.11 1.48
N GLY D 5 8.91 10.72 0.54
CA GLY D 5 8.75 11.50 -0.69
C GLY D 5 9.78 11.24 -1.76
N VAL D 6 10.61 10.21 -1.61
CA VAL D 6 11.64 9.87 -2.58
C VAL D 6 11.31 8.49 -3.15
N PHE D 7 11.30 8.39 -4.48
CA PHE D 7 10.92 7.15 -5.13
C PHE D 7 11.87 6.86 -6.27
N THR D 8 12.25 5.60 -6.41
CA THR D 8 13.05 5.17 -7.55
C THR D 8 12.12 4.57 -8.59
N LEU D 9 11.92 5.29 -9.68
CA LEU D 9 11.15 4.75 -10.78
C LEU D 9 12.06 3.94 -11.71
N PRO D 10 11.50 3.08 -12.56
CA PRO D 10 12.29 2.55 -13.67
C PRO D 10 12.85 3.72 -14.47
N ALA D 11 14.06 3.56 -15.00
CA ALA D 11 14.70 4.65 -15.71
C ALA D 11 13.94 4.98 -17.00
N ASN D 12 14.07 6.24 -17.43
CA ASN D 12 13.58 6.67 -18.73
C ASN D 12 12.10 6.33 -18.94
N THR D 13 11.30 6.58 -17.90
CA THR D 13 9.89 6.21 -17.90
C THR D 13 9.06 7.47 -17.71
N ARG D 14 8.04 7.65 -18.54
CA ARG D 14 7.13 8.76 -18.34
C ARG D 14 6.18 8.44 -17.21
N PHE D 15 5.88 9.45 -16.40
CA PHE D 15 4.99 9.30 -15.26
C PHE D 15 4.17 10.57 -15.11
N GLY D 16 3.00 10.42 -14.52
CA GLY D 16 2.18 11.56 -14.17
C GLY D 16 2.42 11.97 -12.73
N VAL D 17 2.36 13.27 -12.49
CA VAL D 17 2.41 13.79 -11.12
C VAL D 17 1.31 14.83 -10.97
N THR D 18 0.50 14.68 -9.93
CA THR D 18 -0.68 15.52 -9.72
C THR D 18 -0.74 15.88 -8.25
N ALA D 19 -1.03 17.15 -7.95
CA ALA D 19 -1.07 17.62 -6.57
C ALA D 19 -2.43 18.21 -6.26
N PHE D 20 -2.94 17.88 -5.08
CA PHE D 20 -4.21 18.36 -4.55
C PHE D 20 -3.93 19.14 -3.27
N ALA D 21 -4.77 20.12 -2.95
CA ALA D 21 -4.57 20.96 -1.78
C ALA D 21 -5.80 20.90 -0.86
N ASN D 22 -5.54 20.80 0.46
CA ASN D 22 -6.58 20.80 1.51
C ASN D 22 -6.06 21.59 2.71
N SER D 23 -5.93 22.91 2.54
CA SER D 23 -5.32 23.73 3.57
C SER D 23 -5.64 25.20 3.31
N SER D 24 -5.64 25.98 4.39
CA SER D 24 -5.72 27.43 4.26
C SER D 24 -4.46 28.01 3.64
N GLY D 25 -3.32 27.33 3.79
CA GLY D 25 -2.06 27.86 3.29
C GLY D 25 -1.82 27.52 1.83
N THR D 26 -1.14 28.43 1.15
CA THR D 26 -0.74 28.14 -0.21
C THR D 26 0.36 27.08 -0.19
N GLN D 27 0.14 26.02 -0.94
CA GLN D 27 1.09 24.91 -1.01
C GLN D 27 2.02 25.11 -2.19
N THR D 28 3.30 24.89 -1.96
CA THR D 28 4.30 24.84 -3.02
C THR D 28 4.84 23.42 -3.07
N VAL D 29 4.65 22.76 -4.20
CA VAL D 29 5.07 21.39 -4.41
C VAL D 29 6.18 21.40 -5.46
N ASN D 30 7.35 20.89 -5.10
CA ASN D 30 8.46 20.79 -6.02
C ASN D 30 8.68 19.32 -6.33
N VAL D 31 8.85 19.01 -7.62
CA VAL D 31 9.11 17.65 -8.07
C VAL D 31 10.48 17.64 -8.70
N LEU D 32 11.41 16.91 -8.09
CA LEU D 32 12.78 16.81 -8.57
C LEU D 32 12.98 15.48 -9.28
N VAL D 33 13.69 15.53 -10.41
CA VAL D 33 14.14 14.34 -11.11
C VAL D 33 15.65 14.40 -11.16
N ASN D 34 16.31 13.35 -10.66
CA ASN D 34 17.76 13.32 -10.56
C ASN D 34 18.30 14.58 -9.87
N ASN D 35 17.65 14.96 -8.78
CA ASN D 35 18.06 16.07 -7.91
C ASN D 35 17.94 17.44 -8.57
N GLU D 36 17.18 17.57 -9.65
CA GLU D 36 16.95 18.87 -10.23
C GLU D 36 15.46 19.07 -10.39
N THR D 37 14.99 20.28 -10.14
CA THR D 37 13.58 20.58 -10.22
C THR D 37 13.06 20.40 -11.65
N ALA D 38 12.03 19.57 -11.80
CA ALA D 38 11.40 19.34 -13.09
C ALA D 38 10.00 19.91 -13.18
N ALA D 39 9.33 20.10 -12.04
CA ALA D 39 8.02 20.73 -12.03
C ALA D 39 7.84 21.42 -10.68
N THR D 40 7.07 22.51 -10.69
CA THR D 40 6.70 23.19 -9.46
C THR D 40 5.23 23.58 -9.57
N PHE D 41 4.44 23.20 -8.58
CA PHE D 41 3.03 23.55 -8.50
C PHE D 41 2.83 24.48 -7.30
N SER D 42 1.94 25.46 -7.45
CA SER D 42 1.59 26.34 -6.34
C SER D 42 0.09 26.60 -6.40
N GLY D 43 -0.60 26.46 -5.28
CA GLY D 43 -2.02 26.74 -5.26
C GLY D 43 -2.58 26.65 -3.86
N GLN D 44 -3.83 27.07 -3.73
CA GLN D 44 -4.51 27.05 -2.44
C GLN D 44 -5.93 26.54 -2.63
N SER D 45 -6.32 25.59 -1.77
CA SER D 45 -7.66 25.06 -1.78
C SER D 45 -7.90 24.36 -0.46
N THR D 46 -9.12 24.48 0.06
CA THR D 46 -9.57 23.61 1.14
C THR D 46 -10.54 22.54 0.66
N ASN D 47 -10.62 22.34 -0.66
CA ASN D 47 -11.62 21.46 -1.25
C ASN D 47 -10.99 20.45 -2.22
N ASN D 48 -9.73 20.07 -1.98
CA ASN D 48 -9.06 19.03 -2.77
C ASN D 48 -8.87 19.43 -4.22
N ALA D 49 -8.81 20.73 -4.52
CA ALA D 49 -8.60 21.15 -5.91
C ALA D 49 -7.24 20.68 -6.40
N VAL D 50 -7.19 20.32 -7.68
CA VAL D 50 -5.93 20.03 -8.34
C VAL D 50 -5.17 21.34 -8.53
N ILE D 51 -4.01 21.45 -7.87
CA ILE D 51 -3.18 22.64 -8.03
C ILE D 51 -2.13 22.48 -9.11
N GLY D 52 -1.97 21.28 -9.66
CA GLY D 52 -1.06 21.05 -10.77
C GLY D 52 -1.09 19.61 -11.22
N THR D 53 -0.88 19.38 -12.51
CA THR D 53 -0.73 18.02 -13.03
C THR D 53 0.16 18.10 -14.26
N GLN D 54 1.09 17.16 -14.37
CA GLN D 54 2.10 17.22 -15.42
C GLN D 54 2.57 15.82 -15.71
N VAL D 55 3.13 15.65 -16.91
CA VAL D 55 3.78 14.41 -17.32
C VAL D 55 5.28 14.68 -17.39
N LEU D 56 6.07 13.86 -16.70
CA LEU D 56 7.51 14.01 -16.64
C LEU D 56 8.16 12.71 -17.06
N ASN D 57 9.49 12.75 -17.20
CA ASN D 57 10.29 11.58 -17.54
C ASN D 57 11.27 11.34 -16.41
N SER D 58 11.38 10.09 -15.95
CA SER D 58 12.21 9.74 -14.81
C SER D 58 13.70 9.83 -15.11
N GLY D 59 14.08 9.94 -16.37
CA GLY D 59 15.48 10.11 -16.73
C GLY D 59 16.34 8.88 -16.46
N SER D 60 17.66 9.13 -16.51
CA SER D 60 18.61 8.01 -16.48
C SER D 60 18.71 7.37 -15.10
N SER D 61 18.46 8.13 -14.03
CA SER D 61 18.59 7.62 -12.68
C SER D 61 17.29 7.08 -12.11
N GLY D 62 16.16 7.52 -12.65
CA GLY D 62 14.87 7.17 -12.10
C GLY D 62 14.53 7.81 -10.78
N LYS D 63 15.38 8.68 -10.24
CA LYS D 63 15.15 9.23 -8.91
C LYS D 63 14.17 10.39 -8.96
N VAL D 64 13.04 10.25 -8.26
CA VAL D 64 12.02 11.29 -8.19
C VAL D 64 11.82 11.65 -6.73
N GLN D 65 11.83 12.94 -6.42
CA GLN D 65 11.61 13.40 -5.06
C GLN D 65 10.55 14.50 -5.07
N VAL D 66 9.60 14.39 -4.14
CA VAL D 66 8.56 15.38 -3.94
C VAL D 66 8.88 16.15 -2.67
N GLN D 67 8.86 17.48 -2.76
CA GLN D 67 9.04 18.36 -1.61
C GLN D 67 7.81 19.27 -1.52
N VAL D 68 7.37 19.56 -0.30
CA VAL D 68 6.21 20.41 -0.07
C VAL D 68 6.57 21.45 0.98
N SER D 69 6.22 22.71 0.72
CA SER D 69 6.46 23.74 1.70
C SER D 69 5.37 24.80 1.66
N VAL D 70 5.25 25.51 2.77
CA VAL D 70 4.29 26.58 2.96
C VAL D 70 5.03 27.72 3.64
N ASN D 71 5.08 28.88 3.00
CA ASN D 71 5.74 30.05 3.60
C ASN D 71 7.16 29.72 4.03
N GLY D 72 7.88 28.98 3.18
CA GLY D 72 9.25 28.61 3.44
C GLY D 72 9.44 27.44 4.39
N ARG D 73 8.38 26.96 5.02
CA ARG D 73 8.44 25.89 6.00
C ARG D 73 8.12 24.54 5.37
N PRO D 74 9.07 23.63 5.31
CA PRO D 74 8.76 22.30 4.76
C PRO D 74 7.68 21.60 5.57
N SER D 75 6.77 20.94 4.86
CA SER D 75 5.75 20.16 5.53
C SER D 75 6.32 18.79 5.91
N ASP D 76 5.69 18.15 6.89
CA ASP D 76 6.03 16.78 7.26
C ASP D 76 5.42 15.84 6.24
N LEU D 77 6.24 14.99 5.62
CA LEU D 77 5.76 14.12 4.55
C LEU D 77 5.52 12.69 5.04
N VAL D 78 4.52 12.05 4.46
CA VAL D 78 4.32 10.60 4.54
C VAL D 78 4.20 10.07 3.13
N SER D 79 4.73 8.88 2.87
CA SER D 79 4.74 8.37 1.51
C SER D 79 4.83 6.86 1.47
N ALA D 80 4.45 6.30 0.33
CA ALA D 80 4.58 4.87 0.06
C ALA D 80 4.38 4.65 -1.42
N GLN D 81 4.89 3.53 -1.92
CA GLN D 81 4.66 3.10 -3.29
C GLN D 81 3.84 1.82 -3.26
N VAL D 82 2.87 1.72 -4.16
CA VAL D 82 2.01 0.55 -4.25
C VAL D 82 1.96 0.11 -5.70
N ILE D 83 2.07 -1.20 -5.92
CA ILE D 83 2.08 -1.79 -7.27
C ILE D 83 0.96 -2.79 -7.35
N LEU D 84 0.11 -2.64 -8.37
CA LEU D 84 -1.03 -3.52 -8.60
C LEU D 84 -0.78 -4.36 -9.86
N THR D 85 -1.17 -5.63 -9.79
CA THR D 85 -0.94 -6.63 -10.83
C THR D 85 0.46 -6.56 -11.43
N ASN D 86 1.45 -6.23 -10.60
CA ASN D 86 2.87 -6.24 -10.96
C ASN D 86 3.17 -5.28 -12.11
N GLU D 87 2.38 -4.22 -12.24
CA GLU D 87 2.45 -3.39 -13.44
C GLU D 87 2.08 -1.93 -13.18
N LEU D 88 0.98 -1.71 -12.48
CA LEU D 88 0.46 -0.35 -12.28
C LEU D 88 1.02 0.20 -10.98
N ASN D 89 1.75 1.31 -11.06
CA ASN D 89 2.45 1.86 -9.92
C ASN D 89 1.83 3.17 -9.47
N PHE D 90 1.72 3.33 -8.15
CA PHE D 90 1.33 4.58 -7.52
C PHE D 90 2.41 4.94 -6.51
N ALA D 91 2.95 6.15 -6.62
CA ALA D 91 3.81 6.71 -5.58
C ALA D 91 3.02 7.86 -4.95
N LEU D 92 2.79 7.76 -3.64
CA LEU D 92 1.80 8.56 -2.95
C LEU D 92 2.47 9.37 -1.84
N VAL D 93 2.10 10.65 -1.74
CA VAL D 93 2.65 11.54 -0.73
C VAL D 93 1.50 12.29 -0.05
N GLY D 94 1.51 12.30 1.29
CA GLY D 94 0.71 13.24 2.05
C GLY D 94 1.60 14.22 2.79
N SER D 95 1.05 15.32 3.29
CA SER D 95 1.89 16.31 3.94
C SER D 95 1.07 17.10 4.96
N GLU D 96 1.73 17.48 6.05
CA GLU D 96 1.12 18.25 7.13
C GLU D 96 1.86 19.57 7.27
N ASP D 97 1.14 20.68 7.10
CA ASP D 97 1.72 22.01 7.20
C ASP D 97 1.37 22.73 8.50
N GLY D 98 0.60 22.09 9.38
CA GLY D 98 0.15 22.76 10.59
C GLY D 98 0.18 21.88 11.81
N THR D 99 -0.92 21.86 12.57
CA THR D 99 -0.94 21.22 13.88
C THR D 99 -1.96 20.09 14.00
N ASP D 100 -2.77 19.83 12.98
CA ASP D 100 -3.91 18.92 13.16
C ASP D 100 -3.65 17.52 12.65
N ASN D 101 -2.51 17.27 12.00
CA ASN D 101 -2.12 15.94 11.55
C ASN D 101 -3.18 15.26 10.69
N ASP D 102 -3.84 16.03 9.82
CA ASP D 102 -4.66 15.39 8.79
C ASP D 102 -3.84 14.95 7.57
N TYR D 103 -2.62 15.47 7.42
CA TYR D 103 -1.66 15.01 6.41
C TYR D 103 -2.19 15.09 4.99
N ASN D 104 -3.15 15.97 4.75
CA ASN D 104 -3.75 16.14 3.43
C ASN D 104 -3.50 17.51 2.85
N ASP D 105 -2.65 18.32 3.48
CA ASP D 105 -2.59 19.74 3.15
C ASP D 105 -2.12 19.95 1.72
N ALA D 106 -1.14 19.16 1.29
CA ALA D 106 -0.90 18.87 -0.11
C ALA D 106 -0.80 17.35 -0.23
N VAL D 107 -1.54 16.80 -1.19
CA VAL D 107 -1.52 15.37 -1.50
C VAL D 107 -0.98 15.23 -2.91
N VAL D 108 0.02 14.39 -3.09
CA VAL D 108 0.68 14.23 -4.38
C VAL D 108 0.56 12.79 -4.83
N VAL D 109 0.10 12.58 -6.06
CA VAL D 109 -0.05 11.25 -6.62
C VAL D 109 0.84 11.17 -7.85
N ILE D 110 1.73 10.18 -7.87
CA ILE D 110 2.57 9.87 -9.02
C ILE D 110 2.12 8.53 -9.56
N ASN D 111 1.87 8.45 -10.87
CA ASN D 111 1.39 7.21 -11.44
C ASN D 111 2.14 6.87 -12.73
N TRP D 112 2.38 5.58 -12.93
CA TRP D 112 2.95 5.08 -14.18
C TRP D 112 2.59 3.61 -14.30
N PRO D 113 2.68 3.03 -15.51
CA PRO D 113 3.05 3.63 -16.80
C PRO D 113 1.91 4.46 -17.36
N LEU D 114 2.24 5.31 -18.34
CA LEU D 114 1.25 6.10 -19.05
C LEU D 114 1.07 5.51 -20.44
N GLY D 115 0.08 6.05 -21.17
CA GLY D 115 -0.11 5.70 -22.56
C GLY D 115 -1.09 4.59 -22.84
N LYS E 1 -4.55 27.37 9.14
CA LYS E 1 -4.58 28.83 9.07
C LYS E 1 -3.36 29.46 9.63
N ALA E 2 -2.78 30.37 8.88
CA ALA E 2 -1.60 31.06 9.36
C ALA E 2 -2.03 32.13 10.37
N ALA E 3 -1.65 31.93 11.63
CA ALA E 3 -2.06 32.81 12.72
C ALA E 3 -1.25 32.43 13.96
N LYS E 4 -1.00 33.42 14.83
CA LYS E 4 -0.23 33.16 16.03
C LYS E 4 -0.82 32.01 16.82
N ALA E 5 -2.15 31.96 16.91
CA ALA E 5 -2.81 30.88 17.63
C ALA E 5 -2.53 29.51 17.02
N CYS E 6 -2.17 29.46 15.73
CA CYS E 6 -1.95 28.19 15.04
C CYS E 6 -0.48 27.90 14.76
N NH2 E 7 0.40 28.83 15.09
HN1 NH2 E 7 1.39 28.68 14.91
HN2 NH2 E 7 0.10 29.69 15.52
N LYS F 1 -15.42 -24.49 5.44
CA LYS F 1 -15.71 -25.76 6.11
C LYS F 1 -16.24 -26.80 5.17
N LYS G 1 26.32 -3.71 12.16
CA LYS G 1 27.44 -4.25 12.92
C LYS G 1 27.53 -3.56 14.25
CA CA H . -10.68 -18.15 6.28
CA CA I . -12.35 -18.18 3.00
C1 ZDC J . -13.44 -21.85 7.35
C1M ZDC J . -13.08 -22.26 8.78
C2 ZDC J . -13.15 -20.35 7.10
C3 ZDC J . -13.41 -20.08 5.62
C4 ZDC J . -12.61 -21.00 4.73
C5 ZDC J . -13.15 -22.39 5.06
C6 ZDC J . -14.42 -22.93 4.50
C7 ZDC J . -14.72 -24.38 4.92
O2 ZDC J . -11.75 -20.10 7.33
O3 ZDC J . -12.99 -18.73 5.32
O4 ZDC J . -12.89 -20.67 3.34
O5 ZDC J . -12.73 -22.70 6.39
O7A ZDC J . -13.80 -25.12 4.67
H1 ZDC J . -14.39 -21.98 7.25
H1M1 ZDC J . -13.48 -23.12 8.99
H1M2 ZDC J . -12.11 -22.33 8.86
H1M3 ZDC J . -13.40 -21.60 9.40
H2 ZDC J . -13.71 -19.80 7.68
H2O ZDC J . -11.66 -19.29 7.62
H3 ZDC J . -14.36 -20.19 5.45
H3O ZDC J . -12.96 -18.28 6.04
H4 ZDC J . -11.65 -20.96 4.89
H4O ZDC J . -12.16 -20.62 2.92
H61 ZDC J . -15.20 -22.39 4.74
H62 ZDC J . -14.28 -22.97 3.54
CA CA K . 19.52 -5.05 8.25
CA CA L . 19.82 -1.45 9.18
C1 ZDC M . 23.82 -5.45 9.94
C1M ZDC M . 24.29 -6.85 9.67
C2 ZDC M . 22.72 -5.07 8.92
C3 ZDC M . 22.36 -3.65 9.24
C4 ZDC M . 21.92 -3.47 10.66
C5 ZDC M . 23.16 -3.88 11.47
C6 ZDC M . 24.35 -3.02 11.79
C7 ZDC M . 25.51 -3.63 12.61
O2 ZDC M . 21.59 -5.89 9.04
O3 ZDC M . 21.27 -3.28 8.43
O4 ZDC M . 21.54 -2.14 10.88
O5 ZDC M . 23.38 -5.23 11.28
O7A ZDC M . 25.09 -3.81 13.66
H1 ZDC M . 24.58 -4.88 9.74
H1M1 ZDC M . 25.08 -7.02 10.20
H1M2 ZDC M . 23.59 -7.48 9.92
H1M3 ZDC M . 24.50 -6.95 8.73
H2 ZDC M . 23.08 -5.15 8.02
H2O ZDC M . 21.80 -6.68 8.84
H3 ZDC M . 23.13 -3.10 9.06
H3O ZDC M . 21.43 -3.52 7.62
H4 ZDC M . 21.17 -4.05 10.89
H4O ZDC M . 21.51 -1.99 11.72
H61 ZDC M . 24.75 -2.65 10.98
H62 ZDC M . 24.00 -2.32 12.36
CA CA N . -4.63 -1.31 -21.72
CA CA O . -3.19 2.15 -21.66
C1 ZDC P . -3.94 2.11 -26.34
C1M ZDC P . -3.43 3.44 -26.83
C2 ZDC P . -3.21 1.73 -25.03
C3 ZDC P . -3.86 0.47 -24.51
C4 ZDC P . -5.32 0.56 -24.42
C5 ZDC P . -5.80 0.85 -25.86
C6 ZDC P . -5.96 -0.15 -26.93
C7 ZDC P . -6.36 0.38 -28.33
O2 ZDC P . -3.44 2.67 -24.02
O3 ZDC P . -3.38 0.20 -23.17
O4 ZDC P . -5.81 -0.66 -23.88
O5 ZDC P . -5.33 2.12 -26.15
O7A ZDC P . -7.44 0.76 -28.17
H1 ZDC P . -3.69 1.44 -27.01
H1M1 ZDC P . -3.82 4.15 -26.31
H1M2 ZDC P . -2.46 3.47 -26.73
H1M3 ZDC P . -3.66 3.56 -27.77
H2 ZDC P . -2.27 1.62 -25.19
H2O ZDC P . -2.74 2.76 -23.55
H3 ZDC P . -3.61 -0.25 -25.11
H3O ZDC P . -2.55 0.40 -23.11
H4 ZDC P . -5.62 1.29 -23.85
H4O ZDC P . -6.65 -0.71 -24.03
H61 ZDC P . -6.70 -0.72 -26.65
H62 ZDC P . -5.14 -0.66 -27.08
CA CA Q . -5.85 20.00 5.83
C1 ZDC R . -6.75 24.29 7.57
C1M ZDC R . -7.97 24.82 6.87
C2 ZDC R . -6.74 22.74 7.55
C3 ZDC R . -5.46 22.31 8.21
C4 ZDC R . -4.26 22.91 7.56
C5 ZDC R . -4.44 24.44 7.66
C6 ZDC R . -4.03 25.28 8.80
C7 ZDC R . -3.97 26.84 8.65
O2 ZDC R . -6.70 22.22 6.28
O3 ZDC R . -5.31 20.89 8.11
O4 ZDC R . -3.16 22.37 8.24
O5 ZDC R . -5.58 24.79 6.96
O7A ZDC R . -3.19 27.06 7.81
H1 ZDC R . -6.79 24.57 8.50
H1M1 ZDC R . -8.76 24.45 7.28
H1M2 ZDC R . -7.93 24.56 5.93
H1M3 ZDC R . -7.99 25.78 6.94
H2 ZDC R . -7.52 22.42 8.02
H2O ZDC R . -7.44 22.35 5.90
H3 ZDC R . -5.50 22.60 9.13
H3O ZDC R . -6.08 20.52 8.10
H4 ZDC R . -4.19 22.67 6.61
H4O ZDC R . -2.61 22.04 7.68
H61 ZDC R . -3.13 25.00 9.03
H62 ZDC R . -4.65 25.16 9.55
CA CA S . -3.08 19.89 8.36
#